data_1ORF
#
_entry.id   1ORF
#
_cell.length_a   115.034
_cell.length_b   145.022
_cell.length_c   39.555
_cell.angle_alpha   90.00
_cell.angle_beta   90.00
_cell.angle_gamma   90.00
#
_symmetry.space_group_name_H-M   'C 2 2 21'
#
loop_
_entity.id
_entity.type
_entity.pdbx_description
1 polymer 'Granzyme A'
2 non-polymer D-phenylalanyl-N-[(2S,3S)-6-{[amino(iminio)methyl]amino}-1-chloro-2-hydroxyhexan-3-yl]-L-prolinamide
3 non-polymer 'SULFATE ION'
4 water water
#
_entity_poly.entity_id   1
_entity_poly.type   'polypeptide(L)'
_entity_poly.pdbx_seq_one_letter_code
;IIGGNEVTPHSRPYMVLLSLDRKTICAGALIAKDWVLTAAHCNLNKRSQVILGAHSITREEPTKQIMLVKKEFPYPCYDP
ATREGDLKLLQLTEKAKINKYVTILHLPKKGDDVKPGTMCQVAGWGRTHNSASWSDTLREVEITIIDRKVCNDRNHYNFN
PVIGMNMVCAGSLRGGRDSCNGDSGSPLLCEGVFRGVTSFGLENKCGDPRGPGVYILLSKKHLNWIIMTIKGAV
;
_entity_poly.pdbx_strand_id   A
#
loop_
_chem_comp.id
_chem_comp.type
_chem_comp.name
_chem_comp.formula
0G6 peptide-like D-phenylalanyl-N-[(2S,3S)-6-{[amino(iminio)methyl]amino}-1-chloro-2-hydroxyhexan-3-yl]-L-prolinamide 'C21 H34 Cl N6 O3 1'
SO4 non-polymer 'SULFATE ION' 'O4 S -2'
#
# COMPACT_ATOMS: atom_id res chain seq x y z
N ILE A 1 -8.30 -6.35 2.38
CA ILE A 1 -9.25 -5.22 2.61
C ILE A 1 -10.49 -5.66 3.43
N ILE A 2 -10.72 -4.97 4.53
CA ILE A 2 -11.87 -5.23 5.40
C ILE A 2 -12.99 -4.24 5.11
N GLY A 3 -14.19 -4.74 4.85
CA GLY A 3 -15.38 -3.91 4.66
C GLY A 3 -15.37 -3.13 3.35
N GLY A 4 -14.58 -3.60 2.39
CA GLY A 4 -14.62 -3.05 1.04
C GLY A 4 -15.42 -3.90 0.07
N ASN A 5 -15.36 -3.55 -1.21
CA ASN A 5 -16.07 -4.32 -2.22
C ASN A 5 -15.19 -4.49 -3.44
N GLU A 6 -15.50 -5.54 -4.19
CA GLU A 6 -14.82 -5.82 -5.43
C GLU A 6 -14.97 -4.65 -6.40
N VAL A 7 -13.82 -4.10 -6.71
CA VAL A 7 -13.57 -3.12 -7.72
C VAL A 7 -14.14 -3.58 -9.10
N THR A 8 -14.61 -2.64 -9.90
CA THR A 8 -14.83 -2.85 -11.33
C THR A 8 -13.50 -3.34 -11.94
N PRO A 9 -13.46 -4.49 -12.58
CA PRO A 9 -12.19 -5.01 -13.12
C PRO A 9 -11.38 -3.93 -13.86
N HIS A 10 -10.14 -3.75 -13.43
CA HIS A 10 -9.20 -2.83 -14.08
C HIS A 10 -9.50 -1.34 -13.96
N SER A 11 -10.37 -0.98 -13.02
CA SER A 11 -10.68 0.43 -12.76
C SER A 11 -9.64 1.12 -11.86
N ARG A 12 -8.58 0.42 -11.47
CA ARG A 12 -7.48 0.97 -10.66
C ARG A 12 -6.15 0.47 -11.25
N PRO A 13 -5.84 0.92 -12.48
CA PRO A 13 -4.80 0.30 -13.33
C PRO A 13 -3.35 0.46 -12.88
N TYR A 14 -3.16 1.28 -11.84
CA TYR A 14 -1.84 1.53 -11.25
C TYR A 14 -1.51 0.47 -10.19
N MET A 15 -2.50 -0.35 -9.81
CA MET A 15 -2.35 -1.33 -8.73
C MET A 15 -1.44 -2.48 -9.12
N VAL A 16 -0.48 -2.80 -8.26
CA VAL A 16 0.47 -3.88 -8.52
C VAL A 16 0.21 -4.97 -7.50
N LEU A 17 0.10 -6.20 -7.97
CA LEU A 17 0.06 -7.35 -7.11
C LEU A 17 1.46 -7.95 -7.01
N LEU A 18 1.94 -8.08 -5.78
CA LEU A 18 3.22 -8.71 -5.51
C LEU A 18 3.00 -10.14 -4.99
N SER A 19 3.38 -11.11 -5.82
CA SER A 19 3.39 -12.51 -5.41
C SER A 19 4.76 -12.84 -4.82
N LEU A 20 4.87 -12.73 -3.50
CA LEU A 20 6.15 -12.83 -2.82
C LEU A 20 6.59 -14.28 -2.73
N ASP A 21 5.70 -15.12 -2.20
CA ASP A 21 5.86 -16.57 -2.21
C ASP A 21 4.51 -17.28 -2.14
N ARG A 22 4.49 -18.49 -1.59
CA ARG A 22 3.30 -19.34 -1.54
C ARG A 22 2.36 -18.90 -0.44
N LYS A 23 2.93 -18.39 0.63
CA LYS A 23 2.17 -18.02 1.83
C LYS A 23 1.90 -16.53 1.92
N THR A 24 2.55 -15.73 1.08
CA THR A 24 2.56 -14.28 1.26
C THR A 24 2.29 -13.47 -0.01
N ILE A 25 1.44 -12.47 0.12
CA ILE A 25 1.36 -11.42 -0.91
C ILE A 25 1.56 -10.00 -0.37
N CYS A 26 1.74 -9.07 -1.31
CA CYS A 26 1.78 -7.66 -1.04
C CYS A 26 1.20 -6.92 -2.23
N ALA A 27 1.06 -5.61 -2.10
CA ALA A 27 0.62 -4.76 -3.18
C ALA A 27 1.66 -3.67 -3.39
N GLY A 28 1.39 -2.79 -4.34
CA GLY A 28 2.29 -1.70 -4.68
C GLY A 28 1.67 -0.81 -5.74
N ALA A 29 2.37 0.29 -6.03
CA ALA A 29 1.94 1.20 -7.09
C ALA A 29 3.00 1.27 -8.18
N LEU A 30 2.54 1.20 -9.43
CA LEU A 30 3.43 1.46 -10.57
C LEU A 30 3.68 2.96 -10.68
N ILE A 31 4.92 3.41 -10.44
CA ILE A 31 5.18 4.85 -10.42
C ILE A 31 5.98 5.35 -11.61
N ALA A 32 6.53 4.39 -12.36
CA ALA A 32 7.20 4.64 -13.62
C ALA A 32 7.14 3.32 -14.40
N LYS A 33 7.42 3.36 -15.70
CA LYS A 33 7.32 2.16 -16.51
C LYS A 33 8.13 0.98 -15.95
N ASP A 34 9.24 1.26 -15.27
CA ASP A 34 10.01 0.19 -14.61
C ASP A 34 10.20 0.33 -13.08
N TRP A 35 9.31 1.08 -12.43
CA TRP A 35 9.39 1.25 -10.96
C TRP A 35 8.09 0.98 -10.22
N VAL A 36 8.18 0.10 -9.24
CA VAL A 36 7.09 -0.18 -8.33
C VAL A 36 7.47 0.29 -6.92
N LEU A 37 6.61 1.11 -6.30
CA LEU A 37 6.77 1.48 -4.91
C LEU A 37 5.87 0.60 -4.02
N THR A 38 6.49 -0.04 -3.03
CA THR A 38 5.78 -0.91 -2.08
C THR A 38 6.33 -0.67 -0.68
N ALA A 39 6.09 -1.59 0.24
CA ALA A 39 6.63 -1.50 1.61
C ALA A 39 7.90 -2.32 1.79
N ALA A 40 8.82 -1.83 2.62
CA ALA A 40 10.09 -2.52 2.90
C ALA A 40 9.93 -3.84 3.65
N HIS A 41 8.90 -3.96 4.48
CA HIS A 41 8.67 -5.21 5.21
C HIS A 41 8.22 -6.39 4.32
N CYS A 42 7.91 -6.10 3.05
CA CYS A 42 7.48 -7.14 2.13
C CYS A 42 8.70 -7.84 1.54
N ASN A 43 8.98 -9.07 1.97
CA ASN A 43 10.22 -9.70 1.51
C ASN A 43 10.05 -10.54 0.25
N LEU A 44 10.76 -10.16 -0.82
CA LEU A 44 10.77 -10.98 -2.02
C LEU A 44 11.88 -12.03 -1.99
N ASN A 45 11.66 -13.11 -2.72
CA ASN A 45 12.74 -14.00 -3.09
C ASN A 45 12.95 -13.99 -4.61
N LYS A 46 13.76 -14.92 -5.11
CA LYS A 46 14.11 -15.00 -6.54
C LYS A 46 12.91 -15.40 -7.41
N ARG A 47 11.98 -16.15 -6.82
CA ARG A 47 10.74 -16.59 -7.49
C ARG A 47 9.58 -15.53 -7.48
N SER A 48 9.77 -14.43 -6.76
CA SER A 48 8.70 -13.44 -6.57
C SER A 48 8.34 -12.78 -7.89
N GLN A 49 7.07 -12.40 -8.02
CA GLN A 49 6.58 -11.79 -9.25
C GLN A 49 5.86 -10.49 -9.00
N VAL A 50 6.04 -9.56 -9.92
CA VAL A 50 5.23 -8.34 -9.88
C VAL A 50 4.22 -8.33 -11.03
N ILE A 51 2.95 -8.40 -10.68
CA ILE A 51 1.90 -8.57 -11.67
C ILE A 51 1.14 -7.28 -11.87
N LEU A 52 1.14 -6.81 -13.12
CA LEU A 52 0.46 -5.59 -13.52
C LEU A 52 -0.82 -5.95 -14.29
N GLY A 53 -1.78 -5.03 -14.32
CA GLY A 53 -3.07 -5.24 -14.98
C GLY A 53 -3.94 -6.40 -14.45
N ALA A 54 -3.80 -6.74 -13.17
CA ALA A 54 -4.58 -7.85 -12.60
C ALA A 54 -5.93 -7.43 -12.02
N HIS A 55 -6.88 -8.35 -12.07
CA HIS A 55 -8.09 -8.24 -11.27
C HIS A 55 -8.19 -9.44 -10.34
N SER A 56 -8.23 -10.62 -10.93
CA SER A 56 -8.21 -11.87 -10.22
C SER A 56 -6.76 -12.35 -10.13
N ILE A 57 -6.40 -12.97 -9.01
CA ILE A 57 -5.04 -13.51 -8.81
C ILE A 57 -4.83 -14.76 -9.67
N THR A 58 -5.79 -15.68 -9.62
CA THR A 58 -5.69 -17.00 -10.25
C THR A 58 -6.02 -16.99 -11.75
N ARG A 59 -7.18 -16.46 -12.10
CA ARG A 59 -7.66 -16.45 -13.47
C ARG A 59 -6.63 -15.84 -14.44
N GLU A 60 -6.50 -16.47 -15.60
CA GLU A 60 -5.63 -15.99 -16.67
C GLU A 60 -6.34 -14.85 -17.39
N GLU A 61 -5.65 -13.72 -17.53
CA GLU A 61 -6.23 -12.50 -18.11
C GLU A 61 -5.26 -11.97 -19.19
N PRO A 62 -5.77 -11.62 -20.36
CA PRO A 62 -4.93 -11.04 -21.43
C PRO A 62 -4.27 -9.72 -20.99
N THR A 63 -4.89 -9.05 -20.01
CA THR A 63 -4.41 -7.76 -19.48
C THR A 63 -3.16 -7.85 -18.60
N LYS A 64 -2.91 -9.01 -18.01
CA LYS A 64 -1.79 -9.15 -17.07
C LYS A 64 -0.40 -9.02 -17.72
N GLN A 65 0.51 -8.35 -17.01
CA GLN A 65 1.92 -8.29 -17.39
C GLN A 65 2.76 -8.78 -16.22
N ILE A 66 3.43 -9.91 -16.42
CA ILE A 66 4.25 -10.50 -15.38
C ILE A 66 5.68 -9.94 -15.45
N MET A 67 6.03 -9.14 -14.46
CA MET A 67 7.31 -8.44 -14.44
C MET A 67 8.29 -9.07 -13.45
N LEU A 68 9.58 -8.79 -13.66
CA LEU A 68 10.64 -9.32 -12.80
C LEU A 68 11.48 -8.19 -12.24
N VAL A 69 12.01 -8.41 -11.02
CA VAL A 69 12.78 -7.39 -10.34
C VAL A 69 14.25 -7.48 -10.73
N LYS A 70 14.78 -6.36 -11.18
CA LYS A 70 16.19 -6.24 -11.50
C LYS A 70 16.95 -5.92 -10.21
N LYS A 71 16.43 -4.94 -9.47
CA LYS A 71 17.05 -4.54 -8.21
C LYS A 71 16.06 -3.97 -7.19
N GLU A 72 16.26 -4.37 -5.93
CA GLU A 72 15.51 -3.85 -4.80
C GLU A 72 16.23 -2.64 -4.21
N PHE A 73 15.45 -1.60 -3.92
CA PHE A 73 15.93 -0.39 -3.27
C PHE A 73 15.11 -0.12 -2.00
N PRO A 74 15.35 -0.86 -0.92
CA PRO A 74 14.63 -0.57 0.32
C PRO A 74 15.13 0.78 0.86
N TYR A 75 14.21 1.64 1.28
CA TYR A 75 14.55 2.89 1.97
C TYR A 75 15.60 2.66 3.08
N PRO A 76 16.76 3.30 2.96
CA PRO A 76 17.88 3.10 3.92
C PRO A 76 17.56 3.51 5.38
N CYS A 77 16.54 4.34 5.59
CA CYS A 77 16.12 4.79 6.91
C CYS A 77 14.92 4.03 7.45
N TYR A 78 14.52 2.98 6.74
CA TYR A 78 13.54 2.07 7.26
C TYR A 78 13.99 1.53 8.63
N ASP A 79 13.13 1.69 9.63
CA ASP A 79 13.35 1.17 10.96
C ASP A 79 12.26 0.16 11.24
N PRO A 80 12.61 -1.13 11.24
CA PRO A 80 11.65 -2.20 11.53
C PRO A 80 11.08 -2.14 12.95
N ALA A 81 11.80 -1.54 13.90
CA ALA A 81 11.32 -1.46 15.28
C ALA A 81 10.24 -0.41 15.47
N THR A 82 10.43 0.79 14.89
CA THR A 82 9.40 1.85 14.91
C THR A 82 8.39 1.79 13.75
N ARG A 83 8.69 0.97 12.74
CA ARG A 83 7.89 0.86 11.52
C ARG A 83 8.08 2.08 10.62
N GLU A 84 8.93 3.00 11.07
CA GLU A 84 9.21 4.25 10.39
C GLU A 84 9.88 3.98 9.02
N GLY A 85 9.47 4.77 8.01
CA GLY A 85 9.99 4.68 6.65
C GLY A 85 9.85 3.32 5.97
N ASP A 86 8.72 2.66 6.20
CA ASP A 86 8.43 1.35 5.61
C ASP A 86 8.13 1.43 4.10
N LEU A 87 9.19 1.67 3.32
CA LEU A 87 9.12 1.95 1.89
C LEU A 87 10.17 1.13 1.12
N LYS A 88 9.83 0.69 -0.08
CA LYS A 88 10.79 0.00 -0.92
C LYS A 88 10.45 0.19 -2.38
N LEU A 89 11.48 0.55 -3.16
CA LEU A 89 11.34 0.69 -4.62
C LEU A 89 11.87 -0.56 -5.30
N LEU A 90 11.05 -1.12 -6.18
CA LEU A 90 11.46 -2.26 -7.00
C LEU A 90 11.70 -1.82 -8.43
N GLN A 91 12.95 -1.99 -8.90
CA GLN A 91 13.30 -1.74 -10.30
C GLN A 91 13.00 -2.99 -11.12
N LEU A 92 12.29 -2.83 -12.22
CA LEU A 92 11.90 -3.97 -13.06
C LEU A 92 12.94 -4.28 -14.17
N THR A 93 13.09 -5.55 -14.53
CA THR A 93 13.98 -5.92 -15.65
C THR A 93 13.62 -5.26 -16.99
N GLU A 94 12.33 -4.99 -17.21
CA GLU A 94 11.84 -4.35 -18.45
C GLU A 94 10.81 -3.27 -18.11
N LYS A 95 10.46 -2.46 -19.10
CA LYS A 95 9.40 -1.49 -18.97
C LYS A 95 8.03 -2.17 -19.16
N ALA A 96 7.10 -1.81 -18.28
CA ALA A 96 5.70 -2.14 -18.46
C ALA A 96 5.20 -1.54 -19.76
N LYS A 97 4.22 -2.19 -20.39
CA LYS A 97 3.52 -1.58 -21.51
C LYS A 97 2.29 -0.85 -20.98
N ILE A 98 2.31 0.48 -21.05
CA ILE A 98 1.21 1.31 -20.56
C ILE A 98 0.03 1.13 -21.51
N ASN A 99 -1.18 1.01 -20.95
CA ASN A 99 -2.42 0.98 -21.72
C ASN A 99 -3.62 1.40 -20.87
N LYS A 100 -4.81 0.89 -21.20
CA LYS A 100 -6.03 1.16 -20.44
C LYS A 100 -5.97 0.47 -19.07
N TYR A 101 -5.20 -0.62 -19.01
CA TYR A 101 -5.17 -1.56 -17.90
C TYR A 101 -3.96 -1.42 -16.98
N VAL A 102 -2.90 -0.78 -17.48
CA VAL A 102 -1.64 -0.64 -16.74
C VAL A 102 -1.18 0.79 -16.87
N THR A 103 -1.27 1.56 -15.79
CA THR A 103 -0.93 2.98 -15.81
C THR A 103 -0.02 3.37 -14.66
N ILE A 104 0.59 4.55 -14.78
CA ILE A 104 1.45 5.12 -13.76
C ILE A 104 0.66 6.00 -12.79
N LEU A 105 0.83 5.73 -11.50
CA LEU A 105 0.28 6.61 -10.48
C LEU A 105 1.30 7.72 -10.23
N HIS A 106 0.86 8.96 -10.35
CA HIS A 106 1.77 10.08 -10.18
C HIS A 106 2.05 10.40 -8.71
N LEU A 107 3.29 10.73 -8.43
CA LEU A 107 3.67 11.25 -7.12
C LEU A 107 3.02 12.61 -6.85
N PRO A 108 2.72 12.91 -5.59
CA PRO A 108 2.21 14.25 -5.23
C PRO A 108 3.34 15.28 -5.43
N LYS A 109 2.98 16.52 -5.76
CA LYS A 109 4.01 17.55 -5.96
C LYS A 109 4.60 17.99 -4.61
N LYS A 110 3.71 18.17 -3.63
CA LYS A 110 4.05 18.63 -2.30
C LYS A 110 3.79 17.52 -1.27
N GLY A 111 4.74 17.30 -0.37
CA GLY A 111 4.61 16.25 0.62
C GLY A 111 3.83 16.65 1.86
N ASP A 112 2.60 17.11 1.67
CA ASP A 112 1.76 17.55 2.78
C ASP A 112 1.24 16.39 3.64
N ASP A 113 1.04 16.70 4.92
CA ASP A 113 0.17 15.92 5.80
C ASP A 113 -1.25 15.88 5.19
N VAL A 114 -2.02 14.87 5.55
CA VAL A 114 -3.42 14.81 5.16
C VAL A 114 -4.30 15.16 6.37
N LYS A 115 -5.17 16.12 6.15
CA LYS A 115 -5.90 16.70 7.27
C LYS A 115 -6.99 15.75 7.76
N PRO A 116 -7.12 15.64 9.09
CA PRO A 116 -8.09 14.72 9.69
C PRO A 116 -9.51 14.94 9.13
N GLY A 117 -10.24 13.84 8.90
CA GLY A 117 -11.57 13.94 8.35
C GLY A 117 -11.63 13.72 6.85
N THR A 118 -10.52 13.92 6.14
CA THR A 118 -10.39 13.58 4.72
C THR A 118 -10.77 12.10 4.48
N MET A 119 -11.49 11.87 3.39
CA MET A 119 -11.86 10.56 2.89
C MET A 119 -10.75 10.08 1.96
N CYS A 120 -10.39 8.80 2.08
CA CYS A 120 -9.29 8.19 1.36
C CYS A 120 -9.72 6.78 0.93
N GLN A 121 -9.07 6.22 -0.10
CA GLN A 121 -9.32 4.83 -0.51
C GLN A 121 -8.04 3.98 -0.52
N VAL A 122 -8.18 2.69 -0.20
CA VAL A 122 -7.08 1.74 -0.37
C VAL A 122 -7.62 0.46 -0.98
N ALA A 123 -6.89 -0.05 -1.98
CA ALA A 123 -7.23 -1.28 -2.68
C ALA A 123 -6.24 -2.41 -2.39
N GLY A 124 -6.67 -3.64 -2.53
CA GLY A 124 -5.79 -4.75 -2.24
C GLY A 124 -6.42 -6.10 -2.40
N TRP A 125 -5.59 -7.14 -2.33
CA TRP A 125 -5.99 -8.53 -2.47
C TRP A 125 -5.85 -9.24 -1.13
N GLY A 126 -5.56 -8.49 -0.06
CA GLY A 126 -5.38 -9.06 1.27
C GLY A 126 -6.65 -9.61 1.93
N ARG A 127 -6.48 -10.15 3.15
CA ARG A 127 -7.56 -10.65 3.99
C ARG A 127 -8.80 -9.76 3.95
N THR A 128 -9.97 -10.37 3.80
CA THR A 128 -11.26 -9.67 3.92
C THR A 128 -11.93 -9.96 5.28
N HIS A 129 -11.28 -10.79 6.07
CA HIS A 129 -11.73 -11.12 7.41
C HIS A 129 -10.45 -11.32 8.23
N ASN A 130 -10.54 -11.23 9.55
CA ASN A 130 -9.39 -11.55 10.40
C ASN A 130 -9.22 -13.05 10.56
N SER A 131 -9.10 -13.71 9.42
CA SER A 131 -8.88 -15.13 9.34
C SER A 131 -8.64 -15.42 7.86
N ALA A 132 -8.56 -16.70 7.50
CA ALA A 132 -8.44 -17.09 6.09
C ALA A 132 -7.26 -16.39 5.39
N SER A 133 -7.34 -16.33 4.03
CA SER A 133 -6.23 -15.80 3.26
C SER A 133 -6.69 -14.71 2.30
N TRP A 134 -5.88 -14.47 1.27
CA TRP A 134 -6.13 -13.37 0.36
C TRP A 134 -7.45 -13.47 -0.40
N SER A 135 -7.87 -12.34 -0.92
CA SER A 135 -9.02 -12.26 -1.78
C SER A 135 -8.54 -12.53 -3.21
N ASP A 136 -9.31 -13.32 -3.95
CA ASP A 136 -8.94 -13.61 -5.32
C ASP A 136 -9.08 -12.39 -6.24
N THR A 137 -10.01 -11.48 -5.92
CA THR A 137 -10.18 -10.27 -6.74
C THR A 137 -9.83 -8.99 -5.97
N LEU A 138 -9.40 -7.97 -6.72
CA LEU A 138 -9.03 -6.72 -6.12
C LEU A 138 -10.27 -6.03 -5.53
N ARG A 139 -10.16 -5.63 -4.27
CA ARG A 139 -11.23 -4.92 -3.60
C ARG A 139 -10.77 -3.53 -3.17
N GLU A 140 -11.72 -2.68 -2.78
CA GLU A 140 -11.38 -1.34 -2.30
C GLU A 140 -12.34 -0.89 -1.21
N VAL A 141 -11.80 -0.16 -0.26
CA VAL A 141 -12.58 0.39 0.83
C VAL A 141 -12.25 1.87 0.96
N GLU A 142 -13.24 2.64 1.41
CA GLU A 142 -13.04 4.04 1.74
C GLU A 142 -12.92 4.22 3.25
N ILE A 143 -11.95 5.04 3.66
CA ILE A 143 -11.57 5.25 5.05
C ILE A 143 -11.36 6.74 5.31
N THR A 144 -11.39 7.15 6.58
CA THR A 144 -11.21 8.54 6.94
C THR A 144 -9.87 8.69 7.67
N ILE A 145 -9.13 9.74 7.36
CA ILE A 145 -7.97 9.92 8.18
C ILE A 145 -8.33 10.38 9.61
N ILE A 146 -7.73 9.66 10.55
CA ILE A 146 -7.90 9.85 11.99
C ILE A 146 -6.77 10.76 12.48
N ASP A 147 -7.14 11.77 13.23
CA ASP A 147 -6.18 12.68 13.83
C ASP A 147 -5.01 11.94 14.52
N ARG A 148 -3.80 12.30 14.13
CA ARG A 148 -2.57 11.73 14.68
C ARG A 148 -2.55 11.65 16.23
N LYS A 149 -3.02 12.69 16.92
CA LYS A 149 -3.05 12.69 18.40
C LYS A 149 -4.05 11.68 19.00
N VAL A 150 -5.15 11.45 18.30
CA VAL A 150 -6.08 10.39 18.66
C VAL A 150 -5.45 9.02 18.40
N CYS A 151 -4.76 8.92 17.28
CA CYS A 151 -4.09 7.68 16.92
C CYS A 151 -3.05 7.22 17.95
N ASN A 152 -2.42 8.17 18.65
CA ASN A 152 -1.38 7.88 19.66
C ASN A 152 -1.96 7.68 21.05
N ASP A 153 -3.25 7.95 21.16
CA ASP A 153 -4.13 7.70 22.32
C ASP A 153 -3.93 6.44 23.14
N ARG A 154 -4.45 6.48 24.37
CA ARG A 154 -4.60 5.29 25.24
C ARG A 154 -5.63 4.30 24.69
N ASN A 155 -6.63 4.80 23.98
CA ASN A 155 -7.61 3.93 23.30
C ASN A 155 -7.20 3.52 21.88
N HIS A 156 -5.97 3.85 21.48
CA HIS A 156 -5.45 3.43 20.17
C HIS A 156 -4.10 2.72 20.26
N TYR A 157 -3.08 3.32 19.55
CA TYR A 157 -1.75 2.69 19.56
C TYR A 157 -0.97 2.89 20.87
N ASN A 158 -1.26 3.98 21.57
CA ASN A 158 -0.73 4.22 22.92
C ASN A 158 0.80 4.06 22.98
N PHE A 159 1.50 4.71 22.04
CA PHE A 159 2.97 4.65 21.95
C PHE A 159 3.58 3.25 21.77
N ASN A 160 2.79 2.31 21.26
CA ASN A 160 3.26 1.00 20.88
C ASN A 160 2.66 0.66 19.54
N PRO A 161 3.25 1.13 18.45
CA PRO A 161 4.32 2.14 18.45
C PRO A 161 3.81 3.58 18.41
N VAL A 162 4.76 4.52 18.45
CA VAL A 162 4.45 5.93 18.20
C VAL A 162 4.02 6.13 16.74
N ILE A 163 2.97 6.94 16.55
CA ILE A 163 2.54 7.31 15.21
C ILE A 163 3.01 8.73 14.97
N GLY A 164 4.09 8.84 14.19
CA GLY A 164 4.82 10.09 14.03
C GLY A 164 4.38 10.91 12.85
N MET A 165 5.15 11.96 12.54
CA MET A 165 4.80 12.90 11.46
C MET A 165 4.91 12.35 10.03
N ASN A 166 5.58 11.21 9.85
CA ASN A 166 5.71 10.58 8.54
C ASN A 166 4.83 9.32 8.43
N MET A 167 3.75 9.32 9.21
CA MET A 167 2.70 8.33 9.13
C MET A 167 1.40 9.07 9.25
N VAL A 168 0.37 8.56 8.56
CA VAL A 168 -1.03 8.90 8.87
C VAL A 168 -1.80 7.65 9.30
N CYS A 169 -2.86 7.86 10.07
CA CYS A 169 -3.85 6.84 10.43
C CYS A 169 -5.14 7.06 9.71
N ALA A 170 -5.75 5.98 9.29
CA ALA A 170 -7.00 6.07 8.56
C ALA A 170 -7.84 4.83 8.84
N GLY A 171 -9.13 5.04 9.03
CA GLY A 171 -10.08 3.97 9.27
C GLY A 171 -11.50 4.53 9.46
N SER A 172 -12.14 4.12 10.54
CA SER A 172 -13.40 4.72 10.95
C SER A 172 -13.48 4.68 12.46
N LEU A 173 -14.24 5.61 13.05
CA LEU A 173 -14.42 5.68 14.51
C LEU A 173 -15.10 4.43 15.03
N ARG A 174 -16.02 3.90 14.23
CA ARG A 174 -16.76 2.68 14.52
C ARG A 174 -16.08 1.37 14.11
N GLY A 175 -15.01 1.45 13.32
CA GLY A 175 -14.35 0.25 12.83
C GLY A 175 -15.03 -0.40 11.62
N GLY A 176 -14.58 -1.59 11.24
CA GLY A 176 -15.17 -2.25 10.09
C GLY A 176 -14.52 -1.95 8.75
N ARG A 177 -13.59 -1.01 8.69
CA ARG A 177 -13.02 -0.60 7.39
C ARG A 177 -11.52 -0.35 7.45
N ASP A 178 -10.76 -1.11 6.68
CA ASP A 178 -9.33 -1.11 6.91
C ASP A 178 -8.65 -1.89 5.80
N SER A 179 -7.34 -1.69 5.68
CA SER A 179 -6.53 -2.64 4.97
C SER A 179 -6.25 -3.80 5.95
N CYS A 180 -5.53 -4.83 5.49
CA CYS A 180 -5.29 -5.99 6.34
C CYS A 180 -4.06 -6.73 5.80
N ASN A 181 -3.78 -7.94 6.30
CA ASN A 181 -2.61 -8.70 5.84
C ASN A 181 -2.64 -8.86 4.34
N GLY A 182 -1.53 -8.55 3.66
CA GLY A 182 -1.43 -8.70 2.21
C GLY A 182 -1.68 -7.41 1.43
N ASP A 183 -2.22 -6.38 2.12
CA ASP A 183 -2.41 -5.05 1.53
C ASP A 183 -1.19 -4.12 1.65
N SER A 184 -0.18 -4.53 2.40
CA SER A 184 1.06 -3.74 2.52
C SER A 184 1.61 -3.35 1.17
N GLY A 185 2.01 -2.07 1.06
CA GLY A 185 2.54 -1.53 -0.17
C GLY A 185 1.49 -0.80 -0.98
N SER A 186 0.23 -1.07 -0.73
CA SER A 186 -0.83 -0.49 -1.54
C SER A 186 -0.90 1.03 -1.33
N PRO A 187 -1.06 1.77 -2.43
CA PRO A 187 -1.21 3.23 -2.33
C PRO A 187 -2.50 3.67 -1.63
N LEU A 188 -2.34 4.63 -0.71
CA LEU A 188 -3.44 5.37 -0.12
C LEU A 188 -3.75 6.59 -0.99
N LEU A 189 -4.97 6.62 -1.52
CA LEU A 189 -5.44 7.70 -2.38
C LEU A 189 -6.39 8.59 -1.60
N CYS A 190 -6.15 9.89 -1.66
CA CYS A 190 -6.97 10.84 -0.93
C CYS A 190 -7.32 11.96 -1.89
N GLU A 191 -8.63 12.14 -2.11
CA GLU A 191 -9.15 13.15 -3.03
C GLU A 191 -8.35 13.20 -4.34
N GLY A 192 -8.15 12.04 -4.95
CA GLY A 192 -7.50 11.97 -6.24
C GLY A 192 -5.97 11.94 -6.24
N VAL A 193 -5.35 12.08 -5.04
CA VAL A 193 -3.88 12.22 -4.92
C VAL A 193 -3.20 11.08 -4.15
N PHE A 194 -2.13 10.53 -4.73
CA PHE A 194 -1.32 9.52 -4.07
C PHE A 194 -0.68 10.07 -2.81
N ARG A 195 -1.02 9.50 -1.66
CA ARG A 195 -0.66 10.12 -0.38
C ARG A 195 0.12 9.30 0.65
N GLY A 196 -0.04 7.98 0.62
CA GLY A 196 0.62 7.11 1.55
C GLY A 196 0.80 5.69 1.07
N VAL A 197 1.50 4.89 1.87
CA VAL A 197 1.81 3.51 1.54
C VAL A 197 1.42 2.66 2.71
N THR A 198 0.53 1.71 2.48
CA THR A 198 0.05 0.79 3.51
C THR A 198 1.18 0.08 4.26
N SER A 199 1.20 0.26 5.59
CA SER A 199 2.26 -0.33 6.40
C SER A 199 1.77 -1.39 7.43
N PHE A 200 0.99 -0.96 8.44
CA PHE A 200 0.68 -1.87 9.55
C PHE A 200 -0.64 -1.57 10.27
N GLY A 201 -1.05 -2.51 11.12
CA GLY A 201 -2.18 -2.35 12.01
C GLY A 201 -1.97 -3.24 13.23
N LEU A 202 -3.07 -3.63 13.87
CA LEU A 202 -2.98 -4.57 14.99
C LEU A 202 -3.19 -6.00 14.49
N GLU A 203 -2.32 -6.89 14.94
CA GLU A 203 -2.32 -8.29 14.54
C GLU A 203 -3.69 -8.95 14.79
N ASN A 204 -4.24 -9.56 13.73
CA ASN A 204 -5.55 -10.23 13.76
C ASN A 204 -6.69 -9.32 14.21
N LYS A 205 -6.50 -8.02 14.06
CA LYS A 205 -7.52 -7.03 14.43
C LYS A 205 -7.67 -5.97 13.37
N CYS A 206 -7.55 -6.35 12.10
CA CYS A 206 -7.89 -5.44 11.02
C CYS A 206 -9.31 -4.97 11.21
N GLY A 207 -9.53 -3.67 11.15
CA GLY A 207 -10.86 -3.12 11.30
C GLY A 207 -11.32 -2.88 12.74
N ASP A 208 -10.51 -3.26 13.71
CA ASP A 208 -10.77 -2.92 15.11
C ASP A 208 -10.52 -1.41 15.28
N PRO A 209 -11.49 -0.67 15.83
CA PRO A 209 -11.35 0.78 16.06
C PRO A 209 -10.09 1.21 16.80
N ARG A 210 -9.57 0.34 17.67
CA ARG A 210 -8.32 0.58 18.39
C ARG A 210 -7.11 0.73 17.48
N GLY A 211 -7.14 0.05 16.33
CA GLY A 211 -6.00 -0.01 15.43
C GLY A 211 -6.32 0.35 13.98
N PRO A 212 -6.60 1.63 13.71
CA PRO A 212 -6.79 2.11 12.35
C PRO A 212 -5.50 1.87 11.59
N GLY A 213 -5.60 1.53 10.31
CA GLY A 213 -4.41 1.19 9.54
C GLY A 213 -3.47 2.38 9.51
N VAL A 214 -2.16 2.08 9.51
CA VAL A 214 -1.15 3.11 9.48
C VAL A 214 -0.44 3.12 8.12
N TYR A 215 -0.34 4.31 7.55
CA TYR A 215 0.18 4.46 6.20
C TYR A 215 1.41 5.35 6.30
N ILE A 216 2.48 5.01 5.59
CA ILE A 216 3.66 5.87 5.53
C ILE A 216 3.32 7.06 4.69
N LEU A 217 3.52 8.26 5.23
CA LEU A 217 3.23 9.49 4.48
C LEU A 217 4.28 9.76 3.41
N LEU A 218 3.82 10.07 2.20
CA LEU A 218 4.69 10.61 1.17
C LEU A 218 4.96 12.09 1.49
N SER A 219 5.89 12.27 2.43
CA SER A 219 6.39 13.57 2.85
C SER A 219 7.58 13.99 1.97
N LYS A 220 7.95 15.26 2.10
CA LYS A 220 9.14 15.82 1.46
C LYS A 220 10.35 14.88 1.48
N LYS A 221 10.70 14.38 2.66
CA LYS A 221 11.84 13.50 2.82
C LYS A 221 11.73 12.22 1.98
N HIS A 222 10.54 11.62 1.95
CA HIS A 222 10.33 10.35 1.24
C HIS A 222 10.26 10.57 -0.26
N LEU A 223 9.60 11.65 -0.67
CA LEU A 223 9.58 12.05 -2.07
C LEU A 223 10.98 12.29 -2.60
N ASN A 224 11.79 13.09 -1.90
CA ASN A 224 13.19 13.27 -2.31
C ASN A 224 13.90 11.95 -2.58
N TRP A 225 13.79 10.99 -1.67
CA TRP A 225 14.44 9.69 -1.85
C TRP A 225 13.87 8.91 -3.05
N ILE A 226 12.58 9.03 -3.28
CA ILE A 226 11.95 8.36 -4.40
C ILE A 226 12.47 8.95 -5.71
N ILE A 227 12.39 10.27 -5.83
CA ILE A 227 12.82 10.98 -7.02
C ILE A 227 14.29 10.68 -7.32
N MET A 228 15.14 10.78 -6.30
CA MET A 228 16.57 10.54 -6.43
C MET A 228 16.89 9.14 -6.94
N THR A 229 16.24 8.15 -6.34
CA THR A 229 16.48 6.74 -6.64
C THR A 229 16.10 6.37 -8.07
N ILE A 230 14.96 6.90 -8.54
CA ILE A 230 14.52 6.75 -9.91
C ILE A 230 15.49 7.45 -10.89
N LYS A 231 15.38 8.78 -10.96
CA LYS A 231 16.13 9.60 -11.92
C LYS A 231 17.60 9.72 -11.52
N GLY A 232 18.40 8.74 -11.97
CA GLY A 232 19.79 8.61 -11.60
C GLY A 232 19.96 7.39 -10.70
N 0G6 B . 0.81 -5.81 13.66
CA 0G6 B . 2.14 -5.40 13.12
C 0G6 B . 2.06 -5.24 11.62
O 0G6 B . 1.03 -4.84 11.11
CB 0G6 B . 2.61 -4.07 13.71
CG 0G6 B . 2.63 -4.02 15.22
CD1 0G6 B . 3.38 -4.94 15.96
CD2 0G6 B . 1.90 -3.04 15.89
CE1 0G6 B . 3.41 -4.91 17.34
CE2 0G6 B . 1.91 -2.99 17.28
CZ 0G6 B . 2.67 -3.92 18.02
N1 0G6 B . 3.16 -5.49 10.90
CA1 0G6 B . 3.24 -5.14 9.48
C1 0G6 B . 2.23 -5.89 8.58
O1 0G6 B . 1.92 -7.08 8.82
CB1 0G6 B . 4.69 -5.50 9.10
CG1 0G6 B . 5.11 -6.51 10.11
CD 0G6 B . 4.40 -6.12 11.39
N2 0G6 B . 1.71 -5.19 7.58
CA2 0G6 B . 0.84 -5.82 6.57
C2 0G6 B . 1.60 -6.03 5.25
O2 0G6 B . 0.86 -6.89 4.40
CB2 0G6 B . -0.47 -5.05 6.41
CG2 0G6 B . -1.26 -5.05 7.73
CD3 0G6 B . -2.20 -3.85 7.85
NE 0G6 B . -3.10 -4.00 9.00
CZ1 0G6 B . -4.15 -3.19 9.23
NH1 0G6 B . -4.85 -3.35 10.30
NH2 0G6 B . -4.50 -2.20 8.37
C3 0G6 B . 3.05 -6.53 5.43
S SO4 C . -17.89 5.76 10.87
O1 SO4 C . -18.67 5.54 9.65
O2 SO4 C . -18.71 6.44 11.85
O3 SO4 C . -17.48 4.46 11.39
O4 SO4 C . -16.70 6.58 10.60
#